data_5KNR
#
_entry.id   5KNR
#
_cell.length_a   84.617
_cell.length_b   84.617
_cell.length_c   167.116
_cell.angle_alpha   90.000
_cell.angle_beta   90.000
_cell.angle_gamma   120.000
#
_symmetry.space_group_name_H-M   'P 31 2 1'
#
loop_
_entity.id
_entity.type
_entity.pdbx_description
1 polymer 'Hypoxanthine-guanine phosphoribosyltransferase'
2 non-polymer '(2-{[2-(2-amino-6-oxo-3,6-dihydro-9H-purin-9-yl)ethyl][2-(2-phosphonoethoxy)ethyl]amino}ethyl)phosphonic acid'
3 non-polymer 'MAGNESIUM ION'
4 water water
#
_entity_poly.entity_id   1
_entity_poly.type   'polypeptide(L)'
_entity_poly.pdbx_seq_one_letter_code
;MVRDMKHTVEVMIPEAEIKARIAELGRQITERYKDSGSDMVLVGLLRGSFMFMADLCREVQVSHEVDFMTASSYGSGMST
TRDVKILKDLDEDIRGKDVLIVEDIIDSGNTLSKVREILSLREPKSLAICTLLDKPSRREVNVPVEFIGFSIPDEFVVGY
GIDYAQRYRHLPYIGKVILLDE
;
_entity_poly.pdbx_strand_id   A,B
#
loop_
_chem_comp.id
_chem_comp.type
_chem_comp.name
_chem_comp.formula
3L5 non-polymer '(2-{[2-(2-amino-6-oxo-3,6-dihydro-9H-purin-9-yl)ethyl][2-(2-phosphonoethoxy)ethyl]amino}ethyl)phosphonic acid' 'C13 H24 N6 O8 P2'
MG non-polymer 'MAGNESIUM ION' 'Mg 2'
#
# COMPACT_ATOMS: atom_id res chain seq x y z
N MET A 5 -6.28 26.42 -2.59
CA MET A 5 -7.35 27.40 -2.67
C MET A 5 -8.71 26.70 -2.87
N LYS A 6 -9.78 27.38 -2.48
CA LYS A 6 -11.16 26.92 -2.62
C LYS A 6 -11.41 26.06 -3.85
N HIS A 7 -11.81 24.81 -3.62
CA HIS A 7 -12.01 23.86 -4.69
C HIS A 7 -13.18 22.92 -4.40
N THR A 8 -13.45 22.02 -5.34
CA THR A 8 -14.51 21.04 -5.20
C THR A 8 -14.15 19.76 -5.94
N VAL A 9 -14.34 18.62 -5.29
CA VAL A 9 -14.03 17.34 -5.91
C VAL A 9 -15.27 16.71 -6.53
N GLU A 10 -15.22 16.47 -7.83
CA GLU A 10 -16.33 15.83 -8.54
C GLU A 10 -15.92 14.44 -9.02
N VAL A 11 -16.83 13.49 -8.90
CA VAL A 11 -16.56 12.10 -9.30
C VAL A 11 -16.25 11.99 -10.79
N MET A 12 -15.07 11.46 -11.09
CA MET A 12 -14.66 11.27 -12.48
C MET A 12 -14.75 9.80 -12.89
N ILE A 13 -14.17 8.92 -12.08
CA ILE A 13 -14.27 7.49 -12.29
C ILE A 13 -14.78 6.80 -11.03
N PRO A 14 -16.04 6.37 -11.04
CA PRO A 14 -16.70 5.70 -9.92
C PRO A 14 -15.95 4.45 -9.44
N GLU A 15 -16.20 4.06 -8.19
CA GLU A 15 -15.55 2.91 -7.58
C GLU A 15 -15.81 1.61 -8.36
N ALA A 16 -17.01 1.49 -8.90
CA ALA A 16 -17.38 0.29 -9.65
C ALA A 16 -16.59 0.18 -10.95
N GLU A 17 -16.36 1.31 -11.60
CA GLU A 17 -15.64 1.32 -12.88
C GLU A 17 -14.18 0.92 -12.70
N ILE A 18 -13.58 1.36 -11.59
CA ILE A 18 -12.20 1.02 -11.28
C ILE A 18 -12.05 -0.46 -10.98
N LYS A 19 -12.97 -0.99 -10.18
CA LYS A 19 -12.94 -2.39 -9.78
C LYS A 19 -13.04 -3.32 -10.97
N ALA A 20 -13.87 -2.93 -11.94
CA ALA A 20 -14.04 -3.71 -13.16
C ALA A 20 -12.80 -3.64 -14.05
N ARG A 21 -12.20 -2.46 -14.09
CA ARG A 21 -11.01 -2.22 -14.90
C ARG A 21 -9.83 -3.00 -14.36
N ILE A 22 -9.63 -2.94 -13.04
CA ILE A 22 -8.56 -3.65 -12.38
C ILE A 22 -8.76 -5.16 -12.53
N ALA A 23 -10.03 -5.57 -12.47
CA ALA A 23 -10.37 -6.97 -12.67
C ALA A 23 -9.88 -7.45 -14.03
N GLU A 24 -10.07 -6.61 -15.05
CA GLU A 24 -9.62 -6.92 -16.40
C GLU A 24 -8.10 -6.77 -16.53
N LEU A 25 -7.54 -5.77 -15.86
CA LEU A 25 -6.09 -5.57 -15.88
C LEU A 25 -5.36 -6.78 -15.32
N GLY A 26 -5.79 -7.24 -14.15
CA GLY A 26 -5.28 -8.47 -13.57
C GLY A 26 -5.60 -9.65 -14.47
N ARG A 27 -6.71 -9.53 -15.17
CA ARG A 27 -7.08 -10.50 -16.20
C ARG A 27 -6.44 -10.09 -17.49
N GLN A 28 -5.37 -9.31 -17.41
CA GLN A 28 -4.51 -9.14 -18.59
C GLN A 28 -3.07 -9.46 -18.24
N ILE A 29 -2.75 -9.33 -16.96
CA ILE A 29 -1.39 -9.59 -16.48
C ILE A 29 -1.17 -11.08 -16.25
N THR A 30 -2.26 -11.79 -15.94
CA THR A 30 -2.16 -13.20 -15.56
C THR A 30 -1.68 -14.13 -16.69
N GLU A 31 -2.27 -14.00 -17.87
CA GLU A 31 -1.99 -14.85 -19.06
C GLU A 31 -0.74 -14.34 -19.76
N ARG A 32 -0.23 -13.21 -19.28
N ARG A 32 -0.24 -13.20 -19.31
CA ARG A 32 1.00 -12.63 -19.80
CA ARG A 32 1.01 -12.71 -19.84
C ARG A 32 2.18 -13.32 -19.14
C ARG A 32 2.12 -13.51 -19.17
N TYR A 33 2.07 -13.58 -17.85
CA TYR A 33 3.13 -14.27 -17.10
C TYR A 33 2.65 -15.62 -16.56
N LYS A 34 1.77 -16.27 -17.29
CA LYS A 34 1.14 -17.50 -16.83
C LYS A 34 2.08 -18.71 -16.87
N ASP A 35 2.99 -18.72 -17.85
CA ASP A 35 3.84 -19.88 -18.07
C ASP A 35 5.31 -19.53 -18.01
N SER A 36 5.61 -18.32 -17.55
CA SER A 36 6.99 -17.88 -17.40
C SER A 36 7.69 -18.72 -16.33
N GLY A 37 8.76 -19.40 -16.73
CA GLY A 37 9.49 -20.26 -15.80
C GLY A 37 10.45 -19.49 -14.93
N SER A 38 9.97 -18.40 -14.33
CA SER A 38 10.77 -17.57 -13.45
C SER A 38 9.90 -16.87 -12.42
N ASP A 39 10.52 -16.42 -11.33
CA ASP A 39 9.80 -15.73 -10.27
C ASP A 39 9.31 -14.37 -10.75
N MET A 40 8.20 -13.91 -10.17
CA MET A 40 7.60 -12.65 -10.56
C MET A 40 7.51 -11.70 -9.37
N VAL A 41 7.65 -10.40 -9.64
CA VAL A 41 7.57 -9.40 -8.58
C VAL A 41 6.90 -8.12 -9.08
N LEU A 42 5.94 -7.61 -8.30
CA LEU A 42 5.30 -6.34 -8.61
C LEU A 42 5.97 -5.22 -7.81
N VAL A 43 6.44 -4.19 -8.52
CA VAL A 43 7.10 -3.07 -7.87
C VAL A 43 6.22 -1.83 -7.90
N GLY A 44 5.70 -1.46 -6.72
CA GLY A 44 4.87 -0.29 -6.59
C GLY A 44 5.68 0.92 -6.18
N LEU A 45 5.32 2.08 -6.72
CA LEU A 45 6.02 3.32 -6.42
C LEU A 45 5.28 4.14 -5.37
N LEU A 46 5.80 4.13 -4.15
CA LEU A 46 5.27 4.95 -3.07
C LEU A 46 5.30 6.43 -3.45
N ARG A 47 4.40 7.24 -2.91
CA ARG A 47 3.46 6.83 -1.86
C ARG A 47 2.07 6.50 -2.38
N GLY A 48 1.68 7.12 -3.49
CA GLY A 48 0.31 7.00 -3.98
C GLY A 48 0.01 5.82 -4.88
N SER A 49 0.62 4.67 -4.61
CA SER A 49 0.37 3.48 -5.41
C SER A 49 -0.04 2.30 -4.54
N PHE A 50 -0.14 2.53 -3.23
CA PHE A 50 -0.43 1.45 -2.29
C PHE A 50 -1.82 0.86 -2.52
N MET A 51 -2.78 1.70 -2.87
CA MET A 51 -4.15 1.25 -3.06
C MET A 51 -4.30 0.51 -4.38
N PHE A 52 -3.65 1.02 -5.42
CA PHE A 52 -3.65 0.37 -6.73
C PHE A 52 -2.99 -1.01 -6.63
N MET A 53 -1.84 -1.06 -5.97
CA MET A 53 -1.10 -2.31 -5.81
C MET A 53 -1.93 -3.36 -5.09
N ALA A 54 -2.56 -2.96 -3.98
CA ALA A 54 -3.32 -3.87 -3.15
C ALA A 54 -4.47 -4.52 -3.91
N ASP A 55 -5.14 -3.74 -4.75
CA ASP A 55 -6.29 -4.23 -5.51
C ASP A 55 -5.86 -5.00 -6.75
N LEU A 56 -4.74 -4.61 -7.34
CA LEU A 56 -4.27 -5.26 -8.56
C LEU A 56 -3.72 -6.66 -8.29
N CYS A 57 -2.85 -6.77 -7.29
CA CYS A 57 -2.21 -8.04 -6.99
C CYS A 57 -3.21 -9.10 -6.55
N ARG A 58 -4.37 -8.66 -6.07
CA ARG A 58 -5.44 -9.58 -5.68
C ARG A 58 -6.19 -10.09 -6.89
N GLU A 59 -5.94 -9.49 -8.05
CA GLU A 59 -6.54 -9.93 -9.30
C GLU A 59 -5.50 -10.62 -10.18
N VAL A 60 -4.24 -10.52 -9.79
CA VAL A 60 -3.17 -11.21 -10.50
C VAL A 60 -3.06 -12.64 -9.99
N GLN A 61 -3.63 -13.58 -10.73
CA GLN A 61 -3.66 -14.97 -10.32
C GLN A 61 -2.38 -15.69 -10.72
N VAL A 62 -1.25 -15.07 -10.41
CA VAL A 62 0.07 -15.65 -10.65
C VAL A 62 0.93 -15.49 -9.41
N SER A 63 1.52 -16.60 -8.95
CA SER A 63 2.35 -16.58 -7.75
C SER A 63 3.54 -15.64 -7.91
N HIS A 64 3.46 -14.48 -7.25
CA HIS A 64 4.49 -13.45 -7.39
C HIS A 64 4.86 -12.83 -6.05
N GLU A 65 5.70 -11.80 -6.11
CA GLU A 65 6.12 -11.07 -4.92
C GLU A 65 5.66 -9.61 -5.01
N VAL A 66 5.57 -8.95 -3.86
CA VAL A 66 5.15 -7.55 -3.83
C VAL A 66 6.19 -6.69 -3.10
N ASP A 67 6.79 -5.76 -3.83
CA ASP A 67 7.81 -4.88 -3.26
C ASP A 67 7.45 -3.42 -3.52
N PHE A 68 8.20 -2.51 -2.89
CA PHE A 68 7.94 -1.09 -3.05
C PHE A 68 9.22 -0.28 -3.21
N MET A 69 9.10 0.91 -3.79
CA MET A 69 10.24 1.79 -4.00
C MET A 69 9.80 3.25 -4.03
N THR A 70 10.43 4.08 -3.21
CA THR A 70 10.12 5.50 -3.17
C THR A 70 11.18 6.29 -3.92
N ALA A 71 10.81 6.85 -5.07
CA ALA A 71 11.74 7.62 -5.87
C ALA A 71 11.36 9.10 -5.91
N SER A 72 12.36 9.98 -5.85
CA SER A 72 12.15 11.38 -6.14
C SER A 72 11.82 11.51 -7.62
N SER A 73 11.24 12.63 -8.03
CA SER A 73 10.76 12.72 -9.41
C SER A 73 11.40 13.88 -10.18
N TYR A 74 11.68 13.61 -11.45
CA TYR A 74 12.36 14.52 -12.37
C TYR A 74 11.71 15.91 -12.49
N GLY A 75 10.46 15.93 -12.90
CA GLY A 75 9.74 17.18 -13.11
C GLY A 75 9.91 17.73 -14.50
N THR A 81 13.64 20.51 -13.16
CA THR A 81 14.44 19.46 -13.76
C THR A 81 15.47 18.93 -12.78
N ARG A 82 15.03 18.01 -11.93
CA ARG A 82 15.90 17.43 -10.90
C ARG A 82 16.37 16.04 -11.29
N ASP A 83 17.26 15.47 -10.49
CA ASP A 83 17.71 14.10 -10.68
C ASP A 83 16.80 13.14 -9.94
N VAL A 84 16.48 12.02 -10.58
CA VAL A 84 15.65 11.01 -9.93
C VAL A 84 16.47 10.21 -8.93
N LYS A 85 16.28 10.50 -7.65
CA LYS A 85 17.01 9.83 -6.59
C LYS A 85 16.15 8.76 -5.91
N ILE A 86 16.81 7.78 -5.31
CA ILE A 86 16.11 6.70 -4.63
C ILE A 86 16.06 6.91 -3.13
N LEU A 87 14.90 7.32 -2.63
CA LEU A 87 14.71 7.54 -1.20
C LEU A 87 14.56 6.21 -0.47
N LYS A 88 13.87 5.28 -1.11
CA LYS A 88 13.69 3.93 -0.59
C LYS A 88 13.79 2.91 -1.71
N ASP A 89 14.80 2.04 -1.61
CA ASP A 89 15.05 1.06 -2.66
C ASP A 89 14.28 -0.23 -2.38
N LEU A 90 14.32 -1.15 -3.35
CA LEU A 90 13.65 -2.44 -3.20
C LEU A 90 14.32 -3.29 -2.14
N ASP A 91 13.51 -4.06 -1.41
CA ASP A 91 14.03 -5.00 -0.43
C ASP A 91 14.63 -6.20 -1.12
N GLU A 92 13.84 -6.84 -1.98
CA GLU A 92 14.26 -8.04 -2.68
C GLU A 92 14.91 -7.70 -4.02
N ASP A 93 15.58 -8.68 -4.62
CA ASP A 93 16.30 -8.48 -5.87
C ASP A 93 15.44 -8.85 -7.07
N ILE A 94 15.76 -8.29 -8.22
CA ILE A 94 14.93 -8.47 -9.41
C ILE A 94 15.67 -9.13 -10.57
N ARG A 95 16.95 -9.46 -10.37
CA ARG A 95 17.75 -10.09 -11.42
C ARG A 95 17.15 -11.43 -11.82
N GLY A 96 16.70 -11.51 -13.07
CA GLY A 96 16.11 -12.74 -13.60
C GLY A 96 14.69 -12.95 -13.12
N LYS A 97 13.94 -11.87 -12.95
CA LYS A 97 12.57 -11.96 -12.47
C LYS A 97 11.60 -11.14 -13.31
N ASP A 98 10.35 -11.58 -13.34
CA ASP A 98 9.28 -10.83 -14.00
C ASP A 98 8.93 -9.58 -13.18
N VAL A 99 9.51 -8.45 -13.56
CA VAL A 99 9.25 -7.21 -12.84
C VAL A 99 8.15 -6.41 -13.52
N LEU A 100 7.12 -6.07 -12.75
CA LEU A 100 6.04 -5.25 -13.25
C LEU A 100 5.89 -3.98 -12.41
N ILE A 101 6.35 -2.86 -12.95
CA ILE A 101 6.26 -1.58 -12.26
C ILE A 101 4.82 -1.10 -12.18
N VAL A 102 4.35 -0.88 -10.96
CA VAL A 102 2.98 -0.43 -10.75
C VAL A 102 2.93 1.05 -10.38
N GLU A 103 2.39 1.85 -11.28
CA GLU A 103 2.30 3.30 -11.08
C GLU A 103 0.83 3.73 -11.05
N ASP A 104 0.54 4.85 -10.39
CA ASP A 104 -0.81 5.35 -10.30
C ASP A 104 -1.14 6.32 -11.43
N ILE A 105 -0.14 7.07 -11.89
CA ILE A 105 -0.38 8.07 -12.92
C ILE A 105 0.89 8.41 -13.72
N ILE A 106 0.75 8.40 -15.04
CA ILE A 106 1.83 8.80 -15.94
C ILE A 106 1.45 10.03 -16.75
N ASP A 107 1.98 11.18 -16.38
CA ASP A 107 1.70 12.39 -17.14
C ASP A 107 2.88 12.78 -18.01
N SER A 108 4.06 12.91 -17.42
CA SER A 108 5.25 13.32 -18.16
C SER A 108 6.05 12.11 -18.65
N GLY A 109 6.12 11.08 -17.82
CA GLY A 109 6.89 9.89 -18.15
C GLY A 109 8.34 10.06 -17.75
N ASN A 110 8.68 11.27 -17.33
CA ASN A 110 10.02 11.62 -16.90
C ASN A 110 10.55 10.75 -15.77
N THR A 111 9.74 10.65 -14.72
CA THR A 111 10.10 9.90 -13.52
C THR A 111 10.21 8.41 -13.84
N LEU A 112 9.18 7.90 -14.50
CA LEU A 112 9.06 6.48 -14.78
C LEU A 112 10.14 5.99 -15.73
N SER A 113 10.54 6.85 -16.67
CA SER A 113 11.60 6.51 -17.62
C SER A 113 12.89 6.22 -16.88
N LYS A 114 13.21 7.05 -15.89
CA LYS A 114 14.43 6.88 -15.12
C LYS A 114 14.33 5.71 -14.16
N VAL A 115 13.13 5.49 -13.61
CA VAL A 115 12.91 4.35 -12.71
C VAL A 115 13.14 3.04 -13.45
N ARG A 116 12.61 2.96 -14.68
CA ARG A 116 12.79 1.77 -15.50
C ARG A 116 14.25 1.54 -15.85
N GLU A 117 14.98 2.63 -16.09
CA GLU A 117 16.39 2.55 -16.43
C GLU A 117 17.22 2.02 -15.26
N ILE A 118 16.86 2.45 -14.05
CA ILE A 118 17.56 2.00 -12.85
C ILE A 118 17.35 0.51 -12.61
N LEU A 119 16.11 0.07 -12.71
CA LEU A 119 15.77 -1.33 -12.51
C LEU A 119 16.37 -2.21 -13.60
N SER A 120 16.49 -1.65 -14.80
CA SER A 120 17.03 -2.39 -15.94
C SER A 120 18.51 -2.71 -15.73
N LEU A 121 19.20 -1.89 -14.95
CA LEU A 121 20.61 -2.11 -14.63
C LEU A 121 20.80 -3.37 -13.81
N ARG A 122 19.77 -3.76 -13.07
CA ARG A 122 19.82 -4.96 -12.24
C ARG A 122 19.58 -6.21 -13.08
N GLU A 123 19.33 -6.00 -14.36
CA GLU A 123 19.14 -7.08 -15.34
C GLU A 123 18.06 -8.09 -14.94
N PRO A 124 16.79 -7.68 -15.00
CA PRO A 124 15.69 -8.63 -14.81
C PRO A 124 15.41 -9.39 -16.10
N LYS A 125 14.66 -10.48 -16.03
CA LYS A 125 14.34 -11.24 -17.22
C LYS A 125 13.38 -10.44 -18.10
N SER A 126 12.32 -9.93 -17.49
CA SER A 126 11.36 -9.08 -18.19
C SER A 126 11.06 -7.84 -17.36
N LEU A 127 10.78 -6.73 -18.04
CA LEU A 127 10.50 -5.47 -17.36
C LEU A 127 9.36 -4.72 -18.03
N ALA A 128 8.25 -4.57 -17.32
CA ALA A 128 7.07 -3.90 -17.87
C ALA A 128 6.50 -2.88 -16.90
N ILE A 129 5.52 -2.11 -17.36
CA ILE A 129 4.91 -1.06 -16.57
C ILE A 129 3.39 -1.14 -16.61
N CYS A 130 2.75 -1.13 -15.44
CA CYS A 130 1.30 -1.06 -15.37
C CYS A 130 0.85 0.20 -14.63
N THR A 131 0.06 1.02 -15.30
CA THR A 131 -0.45 2.25 -14.69
C THR A 131 -1.97 2.25 -14.61
N LEU A 132 -2.50 2.92 -13.59
CA LEU A 132 -3.94 3.04 -13.43
C LEU A 132 -4.47 4.18 -14.30
N LEU A 133 -3.88 5.36 -14.13
CA LEU A 133 -4.28 6.52 -14.91
C LEU A 133 -3.17 6.93 -15.88
N ASP A 134 -3.57 7.60 -16.97
CA ASP A 134 -2.62 8.02 -17.98
C ASP A 134 -3.01 9.37 -18.58
N LYS A 135 -2.06 10.31 -18.59
CA LYS A 135 -2.26 11.60 -19.23
C LYS A 135 -1.34 11.74 -20.44
N PRO A 136 -1.79 11.24 -21.61
CA PRO A 136 -0.99 11.38 -22.83
C PRO A 136 -0.90 12.84 -23.28
N SER A 137 -1.79 13.67 -22.75
CA SER A 137 -1.83 15.09 -23.06
C SER A 137 -0.55 15.81 -22.61
N ARG A 138 0.07 15.30 -21.55
CA ARG A 138 1.25 15.94 -20.97
C ARG A 138 2.52 15.11 -21.17
N ARG A 139 2.45 14.11 -22.04
CA ARG A 139 3.59 13.22 -22.25
C ARG A 139 4.79 13.97 -22.80
N GLU A 140 5.89 13.96 -22.06
CA GLU A 140 7.10 14.65 -22.48
C GLU A 140 8.18 13.66 -22.95
N VAL A 141 8.13 12.45 -22.41
CA VAL A 141 9.11 11.42 -22.78
C VAL A 141 8.43 10.14 -23.26
N ASN A 142 8.78 9.74 -24.48
CA ASN A 142 8.33 8.48 -25.04
C ASN A 142 8.75 7.31 -24.15
N VAL A 143 7.80 6.75 -23.42
CA VAL A 143 8.06 5.61 -22.57
C VAL A 143 6.98 4.55 -22.76
N PRO A 144 7.40 3.31 -23.10
CA PRO A 144 6.47 2.22 -23.39
C PRO A 144 5.71 1.73 -22.16
N VAL A 145 4.39 1.83 -22.20
CA VAL A 145 3.56 1.33 -21.12
C VAL A 145 2.77 0.11 -21.59
N GLU A 146 3.00 -1.02 -20.95
CA GLU A 146 2.41 -2.29 -21.38
C GLU A 146 0.97 -2.45 -20.91
N PHE A 147 0.63 -1.83 -19.79
CA PHE A 147 -0.70 -1.94 -19.22
C PHE A 147 -1.22 -0.60 -18.73
N ILE A 148 -2.34 -0.15 -19.28
CA ILE A 148 -2.95 1.10 -18.89
C ILE A 148 -4.39 0.90 -18.44
N GLY A 149 -4.74 1.40 -17.26
CA GLY A 149 -6.09 1.30 -16.76
C GLY A 149 -7.02 2.27 -17.47
N PHE A 150 -6.74 3.55 -17.35
CA PHE A 150 -7.53 4.58 -17.99
C PHE A 150 -6.67 5.68 -18.60
N SER A 151 -7.02 6.09 -19.81
CA SER A 151 -6.42 7.27 -20.41
C SER A 151 -7.33 8.46 -20.14
N ILE A 152 -6.81 9.45 -19.42
CA ILE A 152 -7.62 10.54 -18.91
C ILE A 152 -7.24 11.89 -19.51
N PRO A 153 -8.17 12.87 -19.47
CA PRO A 153 -7.87 14.24 -19.91
C PRO A 153 -6.82 14.93 -19.04
N ASP A 154 -6.53 16.19 -19.34
CA ASP A 154 -5.61 16.97 -18.54
C ASP A 154 -6.35 17.58 -17.34
N GLU A 155 -6.87 16.71 -16.48
CA GLU A 155 -7.59 17.13 -15.29
C GLU A 155 -6.82 16.73 -14.04
N PHE A 156 -6.66 17.68 -13.11
CA PHE A 156 -5.99 17.37 -11.85
C PHE A 156 -6.85 16.43 -11.03
N VAL A 157 -6.44 15.15 -10.97
CA VAL A 157 -7.24 14.13 -10.32
C VAL A 157 -6.78 13.85 -8.89
N VAL A 158 -7.69 13.31 -8.09
CA VAL A 158 -7.38 12.89 -6.73
C VAL A 158 -8.02 11.54 -6.45
N GLY A 159 -7.82 11.02 -5.24
CA GLY A 159 -8.43 9.77 -4.83
C GLY A 159 -7.60 8.56 -5.22
N TYR A 160 -7.90 7.44 -4.57
CA TYR A 160 -7.27 6.16 -4.86
C TYR A 160 -5.74 6.24 -4.79
N GLY A 161 -5.22 6.94 -3.79
CA GLY A 161 -3.79 7.08 -3.61
C GLY A 161 -3.27 8.43 -4.01
N ILE A 162 -3.83 9.00 -5.08
CA ILE A 162 -3.42 10.31 -5.56
C ILE A 162 -3.91 11.41 -4.62
N ASP A 163 -3.03 12.35 -4.30
CA ASP A 163 -3.32 13.37 -3.30
C ASP A 163 -3.47 14.78 -3.87
N TYR A 164 -3.93 15.68 -3.01
CA TYR A 164 -3.87 17.12 -3.27
C TYR A 164 -3.62 17.81 -1.95
N ALA A 165 -2.40 18.34 -1.79
CA ALA A 165 -1.92 18.81 -0.50
C ALA A 165 -2.06 17.71 0.54
N GLN A 166 -1.61 16.51 0.15
CA GLN A 166 -1.62 15.32 1.00
C GLN A 166 -3.03 14.90 1.43
N ARG A 167 -4.03 15.31 0.67
CA ARG A 167 -5.42 14.98 1.01
C ARG A 167 -6.06 14.07 -0.02
N TYR A 168 -7.23 13.52 0.33
CA TYR A 168 -8.07 12.74 -0.58
C TYR A 168 -7.48 11.40 -1.02
N ARG A 169 -6.40 10.96 -0.38
CA ARG A 169 -5.76 9.69 -0.75
C ARG A 169 -6.67 8.50 -0.47
N HIS A 170 -7.50 8.61 0.56
CA HIS A 170 -8.31 7.49 1.04
C HIS A 170 -9.63 7.35 0.30
N LEU A 171 -9.81 8.12 -0.77
CA LEU A 171 -11.04 8.05 -1.56
C LEU A 171 -11.05 6.81 -2.44
N PRO A 172 -12.19 6.08 -2.46
CA PRO A 172 -12.34 4.85 -3.24
C PRO A 172 -12.63 5.12 -4.72
N TYR A 173 -12.63 6.38 -5.11
CA TYR A 173 -12.94 6.77 -6.48
C TYR A 173 -12.00 7.85 -6.98
N ILE A 174 -11.85 7.93 -8.30
CA ILE A 174 -11.06 9.00 -8.91
C ILE A 174 -11.93 10.23 -9.10
N GLY A 175 -11.49 11.36 -8.54
CA GLY A 175 -12.24 12.59 -8.64
C GLY A 175 -11.43 13.73 -9.23
N LYS A 176 -12.13 14.70 -9.83
CA LYS A 176 -11.46 15.87 -10.41
C LYS A 176 -11.59 17.07 -9.47
N VAL A 177 -10.58 17.93 -9.49
CA VAL A 177 -10.57 19.12 -8.63
C VAL A 177 -10.96 20.37 -9.41
N ILE A 178 -12.01 21.04 -8.95
CA ILE A 178 -12.50 22.24 -9.61
C ILE A 178 -12.37 23.47 -8.72
N LEU A 179 -11.51 24.40 -9.11
CA LEU A 179 -11.28 25.62 -8.34
C LEU A 179 -12.46 26.58 -8.42
N LEU A 180 -12.98 26.98 -7.25
CA LEU A 180 -14.10 27.90 -7.19
C LEU A 180 -13.70 29.30 -7.64
N ASP A 181 -14.11 29.67 -8.85
CA ASP A 181 -13.79 30.98 -9.41
C ASP A 181 -15.03 31.64 -9.99
N LYS B 6 8.58 -27.35 2.53
CA LYS B 6 7.47 -27.75 1.66
C LYS B 6 6.14 -27.51 2.37
N HIS B 7 5.08 -27.29 1.60
CA HIS B 7 3.89 -26.63 2.12
C HIS B 7 2.64 -26.79 1.25
N THR B 8 1.51 -26.36 1.81
CA THR B 8 0.27 -26.08 1.08
C THR B 8 -0.47 -25.01 1.87
N VAL B 9 -1.45 -24.34 1.24
CA VAL B 9 -2.15 -23.26 1.91
C VAL B 9 -3.67 -23.38 1.83
N GLU B 10 -4.32 -23.39 3.00
CA GLU B 10 -5.78 -23.44 3.07
C GLU B 10 -6.32 -22.19 3.74
N VAL B 11 -7.56 -21.82 3.41
CA VAL B 11 -8.18 -20.59 3.89
C VAL B 11 -8.58 -20.65 5.36
N MET B 12 -8.16 -19.65 6.12
CA MET B 12 -8.58 -19.51 7.51
C MET B 12 -9.65 -18.43 7.64
N ILE B 13 -9.32 -17.22 7.20
CA ILE B 13 -10.27 -16.11 7.20
C ILE B 13 -10.54 -15.64 5.77
N PRO B 14 -11.65 -16.12 5.18
CA PRO B 14 -12.04 -15.80 3.79
C PRO B 14 -12.11 -14.30 3.51
N GLU B 15 -12.03 -13.96 2.22
CA GLU B 15 -12.07 -12.57 1.77
C GLU B 15 -13.29 -11.82 2.27
N ALA B 16 -14.44 -12.48 2.25
CA ALA B 16 -15.70 -11.87 2.67
C ALA B 16 -15.67 -11.51 4.15
N GLU B 17 -15.09 -12.38 4.96
CA GLU B 17 -15.04 -12.17 6.40
C GLU B 17 -14.09 -11.02 6.75
N ILE B 18 -13.06 -10.84 5.93
CA ILE B 18 -12.12 -9.74 6.13
C ILE B 18 -12.80 -8.41 5.87
N LYS B 19 -13.54 -8.33 4.77
CA LYS B 19 -14.22 -7.09 4.39
C LYS B 19 -15.23 -6.67 5.45
N ALA B 20 -15.94 -7.63 6.01
CA ALA B 20 -16.96 -7.36 7.02
C ALA B 20 -16.34 -6.79 8.29
N ARG B 21 -15.19 -7.33 8.67
CA ARG B 21 -14.49 -6.90 9.87
C ARG B 21 -13.90 -5.50 9.71
N ILE B 22 -13.34 -5.25 8.54
CA ILE B 22 -12.74 -3.95 8.25
C ILE B 22 -13.81 -2.87 8.18
N ALA B 23 -14.97 -3.22 7.63
CA ALA B 23 -16.10 -2.31 7.60
C ALA B 23 -16.50 -1.88 9.01
N GLU B 24 -16.50 -2.84 9.93
CA GLU B 24 -16.81 -2.57 11.32
C GLU B 24 -15.72 -1.71 11.95
N LEU B 25 -14.47 -2.00 11.62
CA LEU B 25 -13.34 -1.23 12.12
C LEU B 25 -13.40 0.21 11.65
N GLY B 26 -13.87 0.40 10.42
CA GLY B 26 -14.00 1.73 9.84
C GLY B 26 -14.94 2.61 10.64
N ARG B 27 -16.04 2.03 11.11
CA ARG B 27 -17.03 2.77 11.89
C ARG B 27 -16.49 3.14 13.27
N GLN B 28 -15.77 2.22 13.88
CA GLN B 28 -15.19 2.43 15.21
C GLN B 28 -14.21 3.59 15.20
N ILE B 29 -13.29 3.56 14.25
CA ILE B 29 -12.27 4.60 14.12
C ILE B 29 -12.92 5.94 13.76
N THR B 30 -13.98 5.89 12.98
CA THR B 30 -14.67 7.10 12.53
C THR B 30 -15.26 7.88 13.70
N GLU B 31 -15.92 7.18 14.62
CA GLU B 31 -16.56 7.83 15.76
C GLU B 31 -15.56 8.32 16.79
N ARG B 32 -14.43 7.61 16.90
N ARG B 32 -14.44 7.61 16.91
CA ARG B 32 -13.39 7.97 17.86
CA ARG B 32 -13.39 7.97 17.86
C ARG B 32 -12.75 9.32 17.50
C ARG B 32 -12.77 9.32 17.50
N TYR B 33 -12.52 9.53 16.21
CA TYR B 33 -11.87 10.76 15.75
C TYR B 33 -12.85 11.73 15.09
N LYS B 34 -14.14 11.52 15.30
CA LYS B 34 -15.15 12.45 14.83
C LYS B 34 -15.20 13.67 15.75
N ASP B 35 -15.38 14.84 15.14
CA ASP B 35 -15.43 16.11 15.87
C ASP B 35 -14.17 16.33 16.71
N SER B 36 -13.03 15.91 16.18
CA SER B 36 -11.76 16.08 16.86
C SER B 36 -11.13 17.43 16.53
N GLY B 37 -11.30 17.85 15.27
CA GLY B 37 -10.79 19.14 14.83
C GLY B 37 -9.39 19.07 14.25
N SER B 38 -8.51 18.33 14.91
CA SER B 38 -7.12 18.23 14.47
C SER B 38 -6.99 17.39 13.20
N ASP B 39 -5.83 17.49 12.55
CA ASP B 39 -5.55 16.68 11.37
C ASP B 39 -5.32 15.22 11.76
N MET B 40 -5.64 14.32 10.85
CA MET B 40 -5.50 12.88 11.11
C MET B 40 -4.60 12.24 10.08
N VAL B 41 -3.86 11.21 10.49
CA VAL B 41 -2.98 10.49 9.58
C VAL B 41 -2.85 9.02 9.96
N LEU B 42 -2.97 8.14 8.96
CA LEU B 42 -2.78 6.71 9.17
C LEU B 42 -1.37 6.32 8.75
N VAL B 43 -0.61 5.75 9.68
CA VAL B 43 0.76 5.33 9.40
C VAL B 43 0.87 3.83 9.27
N GLY B 44 1.16 3.35 8.06
CA GLY B 44 1.28 1.93 7.81
C GLY B 44 2.71 1.44 7.96
N LEU B 45 2.85 0.24 8.50
CA LEU B 45 4.18 -0.35 8.68
C LEU B 45 4.48 -1.34 7.55
N LEU B 46 5.28 -0.88 6.59
CA LEU B 46 5.64 -1.67 5.42
C LEU B 46 6.44 -2.92 5.78
N ARG B 47 6.30 -3.99 5.00
CA ARG B 47 5.49 -3.99 3.79
C ARG B 47 4.09 -4.54 4.00
N GLY B 48 3.98 -5.62 4.77
CA GLY B 48 2.74 -6.38 4.88
C GLY B 48 1.54 -5.69 5.50
N SER B 49 1.47 -4.37 5.38
CA SER B 49 0.31 -3.63 5.87
C SER B 49 -0.25 -2.72 4.79
N PHE B 50 0.26 -2.86 3.58
CA PHE B 50 -0.15 -2.00 2.47
C PHE B 50 -1.57 -2.33 2.02
N MET B 51 -1.93 -3.61 2.05
CA MET B 51 -3.25 -4.04 1.63
C MET B 51 -4.29 -3.70 2.69
N PHE B 52 -3.96 -3.99 3.95
CA PHE B 52 -4.83 -3.66 5.07
C PHE B 52 -5.12 -2.16 5.10
N MET B 53 -4.07 -1.36 4.92
CA MET B 53 -4.20 0.09 4.88
C MET B 53 -5.13 0.54 3.76
N ALA B 54 -4.98 -0.08 2.58
CA ALA B 54 -5.74 0.30 1.40
C ALA B 54 -7.24 0.09 1.61
N ASP B 55 -7.61 -0.99 2.30
CA ASP B 55 -9.00 -1.30 2.53
C ASP B 55 -9.54 -0.57 3.77
N LEU B 56 -8.68 -0.36 4.76
CA LEU B 56 -9.11 0.27 6.01
C LEU B 56 -9.35 1.77 5.85
N CYS B 57 -8.46 2.45 5.15
CA CYS B 57 -8.57 3.90 4.98
C CYS B 57 -9.77 4.26 4.11
N ARG B 58 -10.23 3.31 3.30
CA ARG B 58 -11.41 3.53 2.48
C ARG B 58 -12.69 3.32 3.28
N GLU B 59 -12.54 2.84 4.51
CA GLU B 59 -13.68 2.67 5.40
C GLU B 59 -13.72 3.77 6.45
N VAL B 60 -12.57 4.41 6.67
CA VAL B 60 -12.50 5.53 7.59
C VAL B 60 -13.04 6.79 6.90
N GLN B 61 -14.25 7.20 7.29
CA GLN B 61 -14.89 8.35 6.66
C GLN B 61 -14.54 9.65 7.37
N VAL B 62 -13.25 9.87 7.59
CA VAL B 62 -12.74 11.11 8.17
C VAL B 62 -11.55 11.58 7.35
N SER B 63 -11.53 12.87 7.01
CA SER B 63 -10.45 13.45 6.22
C SER B 63 -9.09 13.24 6.91
N HIS B 64 -8.34 12.28 6.41
CA HIS B 64 -7.04 11.93 6.99
C HIS B 64 -5.97 11.78 5.93
N GLU B 65 -4.72 11.66 6.38
CA GLU B 65 -3.59 11.47 5.48
C GLU B 65 -3.06 10.03 5.57
N VAL B 66 -2.40 9.58 4.52
CA VAL B 66 -1.85 8.22 4.50
C VAL B 66 -0.34 8.25 4.37
N ASP B 67 0.37 8.00 5.46
CA ASP B 67 1.82 7.98 5.46
C ASP B 67 2.32 6.55 5.63
N PHE B 68 3.60 6.34 5.38
CA PHE B 68 4.19 5.01 5.50
C PHE B 68 5.55 5.03 6.19
N MET B 69 5.96 3.87 6.68
CA MET B 69 7.23 3.73 7.39
C MET B 69 7.70 2.28 7.37
N THR B 70 8.99 2.09 7.14
CA THR B 70 9.57 0.74 7.13
C THR B 70 10.59 0.57 8.24
N ALA B 71 10.38 -0.41 9.10
CA ALA B 71 11.28 -0.68 10.21
C ALA B 71 12.03 -1.98 10.02
N SER B 72 13.13 -2.16 10.73
CA SER B 72 13.94 -3.36 10.62
C SER B 72 13.81 -4.23 11.86
N SER B 73 14.16 -5.51 11.71
CA SER B 73 14.09 -6.45 12.82
C SER B 73 15.44 -7.12 13.09
N SER B 79 18.87 -10.52 19.89
CA SER B 79 19.32 -10.71 21.26
C SER B 79 18.26 -10.26 22.26
N THR B 80 17.53 -9.21 21.88
CA THR B 80 16.45 -8.68 22.71
C THR B 80 15.55 -7.81 21.84
N THR B 81 16.19 -7.03 20.97
CA THR B 81 15.53 -6.19 19.98
C THR B 81 16.62 -5.68 19.04
N ARG B 82 17.25 -6.62 18.35
CA ARG B 82 18.51 -6.40 17.62
C ARG B 82 18.68 -5.03 16.99
N ASP B 83 17.70 -4.60 16.19
CA ASP B 83 17.84 -3.37 15.44
C ASP B 83 16.76 -2.34 15.72
N VAL B 84 15.54 -2.66 15.32
CA VAL B 84 14.42 -1.72 15.18
C VAL B 84 14.93 -0.34 14.67
N LYS B 85 15.65 -0.40 13.55
CA LYS B 85 16.09 0.81 12.86
C LYS B 85 14.98 1.30 11.93
N ILE B 86 15.16 2.50 11.41
CA ILE B 86 14.19 3.08 10.48
C ILE B 86 14.75 3.16 9.07
N LEU B 87 14.39 2.20 8.24
CA LEU B 87 14.86 2.13 6.87
C LEU B 87 14.21 3.23 6.02
N LYS B 88 12.93 3.49 6.29
CA LYS B 88 12.18 4.51 5.58
C LYS B 88 11.25 5.24 6.56
N ASP B 89 11.58 6.48 6.87
CA ASP B 89 10.79 7.28 7.80
C ASP B 89 9.58 7.87 7.09
N LEU B 90 8.69 8.48 7.87
CA LEU B 90 7.49 9.10 7.32
C LEU B 90 7.84 10.26 6.40
N ASP B 91 6.95 10.56 5.46
CA ASP B 91 7.18 11.63 4.50
C ASP B 91 6.67 12.97 5.04
N GLU B 92 5.75 12.91 5.99
CA GLU B 92 5.14 14.12 6.53
C GLU B 92 5.22 14.19 8.05
N ASP B 93 5.03 15.39 8.60
CA ASP B 93 5.05 15.60 10.03
C ASP B 93 3.78 15.07 10.69
N ILE B 94 3.87 14.74 11.97
CA ILE B 94 2.71 14.24 12.70
C ILE B 94 2.47 15.04 13.97
N ARG B 95 3.28 16.08 14.18
CA ARG B 95 3.16 16.91 15.37
C ARG B 95 1.81 17.62 15.43
N GLY B 96 1.07 17.41 16.52
CA GLY B 96 -0.22 18.04 16.70
C GLY B 96 -1.34 17.39 15.92
N LYS B 97 -1.13 16.15 15.47
CA LYS B 97 -2.13 15.44 14.69
C LYS B 97 -2.57 14.16 15.40
N ASP B 98 -3.71 13.62 14.96
CA ASP B 98 -4.17 12.33 15.46
C ASP B 98 -3.57 11.21 14.62
N VAL B 99 -2.71 10.41 15.23
CA VAL B 99 -1.96 9.37 14.52
C VAL B 99 -2.45 7.97 14.87
N LEU B 100 -2.82 7.22 13.85
CA LEU B 100 -3.22 5.82 14.03
C LEU B 100 -2.27 4.89 13.29
N ILE B 101 -1.52 4.10 14.04
CA ILE B 101 -0.58 3.15 13.46
C ILE B 101 -1.31 1.93 12.92
N VAL B 102 -1.09 1.63 11.63
CA VAL B 102 -1.74 0.51 10.98
C VAL B 102 -0.76 -0.63 10.73
N GLU B 103 -1.02 -1.77 11.36
CA GLU B 103 -0.16 -2.95 11.25
C GLU B 103 -1.02 -4.18 10.98
N ASP B 104 -0.40 -5.21 10.40
CA ASP B 104 -1.11 -6.45 10.11
C ASP B 104 -1.12 -7.43 11.28
N ILE B 105 0.06 -7.69 11.84
CA ILE B 105 0.20 -8.67 12.92
C ILE B 105 0.86 -8.08 14.16
N ILE B 106 0.30 -8.40 15.32
CA ILE B 106 0.92 -8.06 16.59
C ILE B 106 0.95 -9.32 17.48
N ASP B 107 2.12 -9.60 18.06
CA ASP B 107 2.25 -10.75 18.94
C ASP B 107 3.28 -10.48 20.04
N SER B 108 4.56 -10.43 19.68
CA SER B 108 5.61 -10.17 20.66
C SER B 108 5.53 -8.74 21.18
N GLY B 109 5.06 -7.83 20.32
CA GLY B 109 4.89 -6.45 20.71
C GLY B 109 6.20 -5.67 20.67
N ASN B 110 7.24 -6.29 20.14
CA ASN B 110 8.56 -5.65 20.08
C ASN B 110 8.58 -4.44 19.16
N THR B 111 8.18 -4.64 17.91
CA THR B 111 8.23 -3.59 16.91
C THR B 111 7.30 -2.43 17.24
N LEU B 112 6.05 -2.75 17.55
CA LEU B 112 5.05 -1.73 17.84
C LEU B 112 5.43 -0.87 19.05
N SER B 113 6.08 -1.47 20.04
CA SER B 113 6.49 -0.76 21.24
C SER B 113 7.50 0.33 20.91
N LYS B 114 8.55 -0.03 20.18
CA LYS B 114 9.59 0.93 19.82
C LYS B 114 9.05 1.96 18.84
N VAL B 115 8.27 1.50 17.86
CA VAL B 115 7.70 2.40 16.86
C VAL B 115 6.82 3.46 17.51
N ARG B 116 6.01 3.05 18.47
CA ARG B 116 5.18 4.00 19.21
C ARG B 116 6.04 4.99 19.99
N GLU B 117 7.17 4.51 20.51
CA GLU B 117 8.10 5.36 21.24
C GLU B 117 8.72 6.41 20.33
N ILE B 118 9.19 5.97 19.16
CA ILE B 118 9.81 6.87 18.20
C ILE B 118 8.85 7.97 17.75
N LEU B 119 7.62 7.57 17.40
CA LEU B 119 6.62 8.51 16.93
C LEU B 119 6.13 9.43 18.04
N SER B 120 6.20 8.96 19.28
CA SER B 120 5.79 9.76 20.43
C SER B 120 6.70 10.97 20.62
N LEU B 121 7.95 10.84 20.19
CA LEU B 121 8.94 11.90 20.31
C LEU B 121 8.57 13.09 19.42
N ARG B 122 7.82 12.84 18.36
CA ARG B 122 7.36 13.91 17.47
C ARG B 122 6.15 14.62 18.08
N GLU B 123 5.69 14.13 19.23
CA GLU B 123 4.60 14.75 19.99
C GLU B 123 3.32 14.97 19.19
N PRO B 124 2.63 13.88 18.82
CA PRO B 124 1.32 14.04 18.20
C PRO B 124 0.23 14.27 19.25
N LYS B 125 -0.94 14.72 18.82
CA LYS B 125 -2.05 14.92 19.75
C LYS B 125 -2.48 13.60 20.38
N SER B 126 -2.73 12.61 19.54
CA SER B 126 -3.08 11.27 20.00
C SER B 126 -2.25 10.23 19.27
N LEU B 127 -2.14 9.04 19.85
CA LEU B 127 -1.36 7.96 19.25
C LEU B 127 -1.97 6.60 19.57
N ALA B 128 -2.66 6.02 18.59
CA ALA B 128 -3.31 4.73 18.76
C ALA B 128 -2.74 3.70 17.79
N ILE B 129 -3.16 2.44 17.96
CA ILE B 129 -2.69 1.35 17.12
C ILE B 129 -3.86 0.50 16.61
N CYS B 130 -3.90 0.27 15.30
CA CYS B 130 -4.89 -0.62 14.72
C CYS B 130 -4.23 -1.80 14.03
N THR B 131 -4.54 -3.01 14.50
CA THR B 131 -3.92 -4.22 13.95
C THR B 131 -4.96 -5.15 13.34
N LEU B 132 -4.59 -5.82 12.26
CA LEU B 132 -5.48 -6.76 11.59
C LEU B 132 -5.56 -8.08 12.36
N LEU B 133 -4.40 -8.60 12.73
CA LEU B 133 -4.33 -9.86 13.49
C LEU B 133 -3.63 -9.64 14.82
N ASP B 134 -3.88 -10.55 15.76
CA ASP B 134 -3.30 -10.44 17.09
C ASP B 134 -3.08 -11.80 17.73
N LYS B 135 -1.84 -12.04 18.17
CA LYS B 135 -1.50 -13.25 18.91
C LYS B 135 -1.11 -12.89 20.34
N PRO B 136 -2.10 -12.93 21.26
CA PRO B 136 -1.91 -12.53 22.66
C PRO B 136 -0.95 -13.43 23.44
N SER B 137 -0.68 -14.61 22.90
CA SER B 137 0.13 -15.60 23.61
C SER B 137 1.62 -15.28 23.61
N ARG B 138 2.07 -14.59 22.57
CA ARG B 138 3.50 -14.33 22.40
C ARG B 138 3.92 -12.99 22.98
N ARG B 139 3.03 -12.37 23.76
CA ARG B 139 3.26 -11.01 24.25
C ARG B 139 4.45 -10.91 25.20
N GLU B 140 5.51 -10.28 24.72
CA GLU B 140 6.69 -10.04 25.53
C GLU B 140 6.69 -8.62 26.08
N VAL B 141 6.07 -7.71 25.34
CA VAL B 141 5.97 -6.32 25.75
C VAL B 141 4.53 -5.82 25.71
N ASN B 142 4.00 -5.45 26.86
CA ASN B 142 2.63 -4.96 26.95
C ASN B 142 2.46 -3.60 26.26
N VAL B 143 1.93 -3.63 25.03
CA VAL B 143 1.72 -2.42 24.26
C VAL B 143 0.23 -2.20 24.00
N PRO B 144 -0.27 -0.99 24.31
CA PRO B 144 -1.68 -0.61 24.13
C PRO B 144 -2.14 -0.69 22.68
N VAL B 145 -3.17 -1.49 22.41
CA VAL B 145 -3.76 -1.58 21.09
C VAL B 145 -5.28 -1.37 21.18
N GLU B 146 -5.78 -0.40 20.43
CA GLU B 146 -7.18 0.01 20.53
C GLU B 146 -8.08 -0.76 19.56
N PHE B 147 -7.64 -0.90 18.32
CA PHE B 147 -8.45 -1.55 17.29
C PHE B 147 -7.82 -2.85 16.83
N ILE B 148 -8.48 -3.97 17.12
CA ILE B 148 -8.00 -5.28 16.70
C ILE B 148 -9.00 -5.94 15.76
N GLY B 149 -8.53 -6.35 14.58
CA GLY B 149 -9.38 -7.00 13.61
C GLY B 149 -9.75 -8.41 14.00
N PHE B 150 -8.74 -9.25 14.19
CA PHE B 150 -8.96 -10.64 14.56
C PHE B 150 -7.98 -11.10 15.63
N SER B 151 -8.50 -11.79 16.65
CA SER B 151 -7.65 -12.42 17.65
C SER B 151 -7.48 -13.90 17.31
N ILE B 152 -6.25 -14.30 17.01
CA ILE B 152 -5.98 -15.67 16.57
C ILE B 152 -4.97 -16.37 17.48
N PRO B 153 -5.07 -17.70 17.56
CA PRO B 153 -4.08 -18.48 18.32
C PRO B 153 -2.72 -18.47 17.63
N ASP B 154 -1.71 -19.05 18.27
CA ASP B 154 -0.37 -19.03 17.73
C ASP B 154 -0.24 -19.95 16.51
N GLU B 155 -0.89 -19.56 15.42
CA GLU B 155 -0.78 -20.27 14.15
C GLU B 155 -0.02 -19.39 13.16
N PHE B 156 0.89 -19.99 12.39
CA PHE B 156 1.61 -19.22 11.39
C PHE B 156 0.72 -19.00 10.17
N VAL B 157 0.36 -17.74 9.93
CA VAL B 157 -0.57 -17.40 8.86
C VAL B 157 0.11 -16.62 7.74
N VAL B 158 -0.53 -16.62 6.58
CA VAL B 158 -0.07 -15.84 5.43
C VAL B 158 -1.25 -15.18 4.73
N GLY B 159 -0.96 -14.46 3.66
CA GLY B 159 -2.01 -13.80 2.89
C GLY B 159 -2.28 -12.40 3.37
N TYR B 160 -2.93 -11.61 2.52
CA TYR B 160 -3.33 -10.25 2.84
C TYR B 160 -2.14 -9.40 3.31
N GLY B 161 -1.03 -9.49 2.58
CA GLY B 161 0.16 -8.73 2.90
C GLY B 161 1.19 -9.53 3.67
N ILE B 162 0.71 -10.49 4.45
CA ILE B 162 1.59 -11.35 5.25
C ILE B 162 2.23 -12.41 4.36
N ASP B 163 3.54 -12.59 4.52
CA ASP B 163 4.30 -13.46 3.63
C ASP B 163 4.96 -14.64 4.33
N TYR B 164 5.37 -15.62 3.53
CA TYR B 164 6.23 -16.70 3.99
C TYR B 164 7.37 -16.89 2.99
N ALA B 165 8.55 -16.39 3.35
CA ALA B 165 9.70 -16.37 2.45
C ALA B 165 9.36 -15.65 1.15
N GLN B 166 8.81 -14.44 1.30
CA GLN B 166 8.41 -13.60 0.17
C GLN B 166 7.43 -14.31 -0.76
N ARG B 167 6.26 -14.63 -0.24
CA ARG B 167 5.24 -15.35 -0.99
C ARG B 167 3.88 -15.17 -0.33
N TYR B 168 2.82 -15.29 -1.14
CA TYR B 168 1.43 -15.24 -0.65
C TYR B 168 1.00 -13.87 -0.17
N ARG B 169 1.76 -12.83 -0.52
CA ARG B 169 1.42 -11.46 -0.13
C ARG B 169 0.19 -10.95 -0.86
N HIS B 170 -0.09 -11.55 -2.02
CA HIS B 170 -1.15 -11.04 -2.90
C HIS B 170 -2.49 -11.75 -2.70
N LEU B 171 -2.53 -12.70 -1.77
CA LEU B 171 -3.77 -13.43 -1.50
C LEU B 171 -4.81 -12.53 -0.84
N PRO B 172 -6.05 -12.57 -1.35
CA PRO B 172 -7.13 -11.72 -0.83
C PRO B 172 -7.69 -12.24 0.49
N TYR B 173 -7.15 -13.35 0.99
CA TYR B 173 -7.63 -13.96 2.22
C TYR B 173 -6.49 -14.30 3.17
N ILE B 174 -6.82 -14.54 4.43
CA ILE B 174 -5.85 -15.00 5.41
C ILE B 174 -5.84 -16.52 5.46
N GLY B 175 -4.70 -17.12 5.12
CA GLY B 175 -4.59 -18.57 5.10
C GLY B 175 -3.57 -19.10 6.09
N LYS B 176 -3.62 -20.41 6.32
CA LYS B 176 -2.65 -21.04 7.21
C LYS B 176 -1.68 -21.90 6.42
N VAL B 177 -0.43 -21.94 6.88
CA VAL B 177 0.60 -22.76 6.26
C VAL B 177 0.74 -24.09 6.96
N ILE B 178 0.37 -25.17 6.28
CA ILE B 178 0.60 -26.51 6.82
C ILE B 178 1.84 -27.10 6.18
N LEU B 179 2.66 -27.75 7.00
CA LEU B 179 3.94 -28.28 6.52
C LEU B 179 3.88 -29.80 6.37
N LEU B 180 4.52 -30.30 5.33
CA LEU B 180 4.45 -31.72 5.00
C LEU B 180 5.75 -32.45 5.30
OAE 3L5 C . 3.42 9.55 -4.76
PBB 3L5 C . 2.88 9.59 -6.16
OAF 3L5 C . 1.38 9.72 -6.11
OAC 3L5 C . 3.26 8.30 -6.88
CAP 3L5 C . 3.59 11.01 -7.05
CAK 3L5 C . 2.87 11.25 -8.40
OAU 3L5 C . 3.83 11.14 -9.45
CAJ 3L5 C . 3.32 10.54 -10.64
CAL 3L5 C . 3.10 11.65 -11.70
NAZ 3L5 C . 4.11 12.69 -11.59
CAN 3L5 C . 5.12 12.50 -12.64
CAQ 3L5 C . 5.70 11.09 -12.59
PBC 3L5 C . 5.94 10.43 -14.25
OAG 3L5 C . 7.03 11.20 -14.93
OAH 3L5 C . 6.32 8.98 -14.17
OAD 3L5 C . 4.65 10.57 -15.05
CAM 3L5 C . 3.47 14.05 -11.76
CAO 3L5 C . 2.41 14.31 -10.63
N9 3L5 C . 1.07 14.45 -11.20
C4 3L5 C . -0.07 14.66 -10.49
N3 3L5 C . -0.35 14.82 -9.17
C2 3L5 C . -1.58 15.02 -8.75
N2 3L5 C . -1.80 15.16 -7.40
N1 3L5 C . -2.62 15.08 -9.59
C6 3L5 C . -2.45 14.94 -10.91
O6 3L5 C . -3.54 15.01 -11.78
C5 3L5 C . -1.13 14.72 -11.43
N7 3L5 C . -0.57 14.54 -12.66
C8 3L5 C . 0.76 14.37 -12.50
MG MG D . 3.14 7.28 -8.73
OAE 3L5 E . 4.80 -9.44 8.06
PBB 3L5 E . 5.81 -8.67 7.27
OAF 3L5 E . 5.15 -8.08 6.04
OAC 3L5 E . 6.94 -9.60 6.82
CAP 3L5 E . 6.51 -7.34 8.28
CAK 3L5 E . 5.40 -6.43 8.89
OAU 3L5 E . 5.59 -6.35 10.30
CAJ 3L5 E . 5.08 -7.46 11.04
CAL 3L5 E . 6.26 -8.21 11.71
NAZ 3L5 E . 5.77 -9.20 12.66
CAN 3L5 E . 6.28 -8.91 13.99
CAQ 3L5 E . 5.15 -8.44 14.92
PBC 3L5 E . 5.74 -8.14 16.59
OAG 3L5 E . 6.55 -6.88 16.62
OAH 3L5 E . 4.57 -7.99 17.53
OAD 3L5 E . 6.60 -9.32 17.02
CAM 3L5 E . 6.22 -10.57 12.22
CAO 3L5 E . 5.99 -11.63 13.36
N9 3L5 E . 5.02 -12.66 12.98
C4 3L5 E . 4.79 -13.15 11.72
N3 3L5 E . 5.32 -12.90 10.49
C2 3L5 E . 4.89 -13.54 9.41
N2 3L5 E . 5.46 -13.24 8.19
N1 3L5 E . 3.93 -14.46 9.48
C6 3L5 E . 3.36 -14.78 10.65
O6 3L5 E . 2.35 -15.74 10.70
C5 3L5 E . 3.77 -14.12 11.85
N7 3L5 E . 3.44 -14.17 13.16
C8 3L5 E . 4.20 -13.28 13.82
#